data_4MC3
#
_entry.id   4MC3
#
_cell.length_a   59.440
_cell.length_b   59.440
_cell.length_c   182.840
_cell.angle_alpha   90.00
_cell.angle_beta   90.00
_cell.angle_gamma   120.00
#
_symmetry.space_group_name_H-M   'P 31 2 1'
#
loop_
_entity.id
_entity.type
_entity.pdbx_description
1 polymer 'Putative sesquiterpene cyclase'
2 non-polymer (3R,6E)-3,7,11-trimethyldodeca-1,6,10-trien-3-ol
3 water water
#
_entity_poly.entity_id   1
_entity_poly.type   'polypeptide(L)'
_entity_poly.pdbx_seq_one_letter_code
;MAEFEIPDFYVPFPLECNPHLEEASRAMWEWIDANGLAPTERARDRMRRTGADLSGAYVWPRADLDTLTIGLKWIALTFR
IDDQIDEDDTAERLPARMTAIDELRGTLHGLPVSGRSPTARALGALWQETALGRPATWCDAFIGHFEAFLQTYTTEAGLN
AHGAGLRLDDYLDRRMYSVGMPWLWDLDELRLPIFLPGSVRTCGPMNKLRRAGALHIALVNDVFSVERETLVGYQHNAVT
IIREAQGCSLQEAVDQVAVLVEAQLHTVLQARQELLEELDRQALPSRAREAAVDYAANVAANLSGQLVWHSSVERYAVDD
LQSAADPRATPTTSSLGILEHHHHHH
;
_entity_poly.pdbx_strand_id   A
#
# COMPACT_ATOMS: atom_id res chain seq x y z
N PHE A 4 4.97 4.48 26.59
CA PHE A 4 3.58 4.95 26.32
C PHE A 4 2.61 3.78 26.16
N GLU A 5 1.32 4.04 26.38
CA GLU A 5 0.28 3.03 26.22
C GLU A 5 -0.31 3.09 24.81
N ILE A 6 -0.08 2.02 24.05
CA ILE A 6 -0.61 1.88 22.71
C ILE A 6 -2.12 1.97 22.74
N PRO A 7 -2.73 2.84 21.92
CA PRO A 7 -4.20 2.90 21.91
C PRO A 7 -4.85 1.53 21.62
N ASP A 8 -6.07 1.35 22.09
CA ASP A 8 -6.81 0.10 21.86
C ASP A 8 -7.58 0.31 20.58
N PHE A 9 -6.88 0.25 19.46
CA PHE A 9 -7.48 0.60 18.19
C PHE A 9 -8.57 -0.40 17.91
N TYR A 10 -9.72 0.09 17.50
CA TYR A 10 -10.84 -0.77 17.14
C TYR A 10 -11.30 -0.46 15.73
N VAL A 11 -11.51 -1.51 14.96
CA VAL A 11 -12.04 -1.42 13.61
C VAL A 11 -13.21 -2.42 13.49
N PRO A 12 -14.34 -1.98 12.95
CA PRO A 12 -15.56 -2.82 12.98
C PRO A 12 -15.62 -3.91 11.93
N PHE A 13 -14.74 -3.83 10.94
CA PHE A 13 -14.81 -4.70 9.77
C PHE A 13 -14.26 -6.07 10.12
N PRO A 14 -14.89 -7.15 9.59
CA PRO A 14 -14.36 -8.46 9.88
C PRO A 14 -12.89 -8.63 9.45
N LEU A 15 -12.18 -9.46 10.22
CA LEU A 15 -10.83 -9.82 9.89
C LEU A 15 -10.87 -10.99 8.92
N GLU A 16 -10.38 -10.77 7.70
CA GLU A 16 -10.34 -11.74 6.59
C GLU A 16 -8.89 -12.07 6.18
N CYS A 17 -8.63 -13.30 5.81
CA CYS A 17 -7.31 -13.73 5.42
C CYS A 17 -7.48 -14.71 4.25
N ASN A 18 -6.56 -14.66 3.29
CA ASN A 18 -6.74 -15.50 2.14
C ASN A 18 -6.48 -17.00 2.41
N PRO A 19 -7.43 -17.88 2.04
CA PRO A 19 -7.26 -19.33 2.26
C PRO A 19 -6.11 -19.96 1.44
N HIS A 20 -5.59 -19.22 0.44
CA HIS A 20 -4.57 -19.77 -0.47
C HIS A 20 -3.10 -19.44 -0.09
N LEU A 21 -2.89 -18.92 1.11
CA LEU A 21 -1.58 -18.46 1.58
C LEU A 21 -0.44 -19.50 1.37
N GLU A 22 -0.67 -20.73 1.78
CA GLU A 22 0.40 -21.72 1.77
C GLU A 22 0.89 -21.96 0.32
N GLU A 23 -0.04 -22.20 -0.60
CA GLU A 23 0.29 -22.42 -2.01
C GLU A 23 0.88 -21.17 -2.68
N ALA A 24 0.28 -20.00 -2.42
CA ALA A 24 0.84 -18.77 -3.02
C ALA A 24 2.24 -18.49 -2.48
N SER A 25 2.48 -18.75 -1.19
CA SER A 25 3.80 -18.54 -0.57
C SER A 25 4.86 -19.40 -1.22
N ARG A 26 4.56 -20.65 -1.52
CA ARG A 26 5.52 -21.50 -2.25
C ARG A 26 5.81 -20.92 -3.64
N ALA A 27 4.79 -20.40 -4.34
CA ALA A 27 5.01 -19.81 -5.65
C ALA A 27 5.87 -18.53 -5.51
N MET A 28 5.60 -17.74 -4.48
CA MET A 28 6.41 -16.54 -4.22
C MET A 28 7.88 -16.87 -4.05
N TRP A 29 8.16 -17.83 -3.18
CA TRP A 29 9.53 -18.24 -2.91
C TRP A 29 10.24 -18.82 -4.12
N GLU A 30 9.53 -19.58 -4.90
CA GLU A 30 10.04 -20.04 -6.17
C GLU A 30 10.46 -18.89 -7.10
N TRP A 31 9.64 -17.85 -7.13
CA TRP A 31 9.95 -16.69 -7.99
C TRP A 31 11.17 -15.94 -7.41
N ILE A 32 11.20 -15.80 -6.10
CA ILE A 32 12.32 -15.18 -5.41
C ILE A 32 13.61 -15.92 -5.75
N ASP A 33 13.54 -17.24 -5.65
CA ASP A 33 14.70 -18.09 -5.92
C ASP A 33 15.16 -17.91 -7.36
N ALA A 34 14.22 -17.96 -8.30
CA ALA A 34 14.47 -17.80 -9.74
C ALA A 34 15.12 -16.47 -10.08
N ASN A 35 14.77 -15.44 -9.34
CA ASN A 35 15.28 -14.05 -9.53
C ASN A 35 16.48 -13.51 -8.76
N GLY A 36 17.01 -14.28 -7.84
CA GLY A 36 18.16 -13.84 -7.07
C GLY A 36 17.82 -12.73 -6.11
N LEU A 37 16.54 -12.62 -5.76
CA LEU A 37 16.12 -11.59 -4.82
C LEU A 37 16.47 -11.89 -3.36
N ALA A 38 16.97 -13.08 -3.09
CA ALA A 38 17.46 -13.37 -1.77
C ALA A 38 18.68 -14.27 -1.95
N PRO A 39 19.76 -13.71 -2.54
CA PRO A 39 20.92 -14.44 -3.05
C PRO A 39 21.90 -14.94 -1.98
N THR A 40 21.68 -14.51 -0.75
CA THR A 40 22.49 -14.91 0.38
C THR A 40 21.52 -15.45 1.41
N GLU A 41 22.01 -16.26 2.34
CA GLU A 41 21.18 -16.74 3.43
C GLU A 41 20.73 -15.58 4.33
N ARG A 42 21.57 -14.55 4.46
CA ARG A 42 21.20 -13.36 5.24
C ARG A 42 19.92 -12.76 4.65
N ALA A 43 19.97 -12.54 3.36
CA ALA A 43 18.86 -11.97 2.61
C ALA A 43 17.61 -12.86 2.62
N ARG A 44 17.82 -14.16 2.46
CA ARG A 44 16.76 -15.15 2.57
C ARG A 44 16.13 -15.09 3.97
N ASP A 45 16.95 -14.98 5.02
CA ASP A 45 16.40 -14.90 6.39
C ASP A 45 15.61 -13.60 6.63
N ARG A 46 16.12 -12.46 6.12
CA ARG A 46 15.39 -11.19 6.22
C ARG A 46 14.03 -11.34 5.50
N MET A 47 14.06 -11.91 4.29
CA MET A 47 12.82 -12.15 3.53
C MET A 47 11.87 -13.05 4.30
N ARG A 48 12.38 -14.17 4.83
CA ARG A 48 11.53 -15.06 5.64
C ARG A 48 10.88 -14.31 6.78
N ARG A 49 11.67 -13.46 7.46
CA ARG A 49 11.22 -12.76 8.63
C ARG A 49 10.30 -11.56 8.35
N THR A 50 10.25 -11.08 7.11
CA THR A 50 9.38 -9.94 6.80
C THR A 50 7.90 -10.34 6.79
N GLY A 51 7.62 -11.63 6.59
CA GLY A 51 6.21 -12.09 6.43
C GLY A 51 5.50 -11.53 5.21
N ALA A 52 6.20 -11.49 4.08
CA ALA A 52 5.60 -10.96 2.83
C ALA A 52 4.36 -11.73 2.40
N ASP A 53 4.39 -13.02 2.62
CA ASP A 53 3.33 -13.88 2.20
C ASP A 53 2.11 -13.58 3.08
N LEU A 54 2.29 -13.54 4.41
CA LEU A 54 1.19 -13.26 5.31
C LEU A 54 0.62 -11.89 5.05
N SER A 55 1.51 -10.92 4.78
CA SER A 55 1.09 -9.59 4.48
C SER A 55 0.12 -9.59 3.29
N GLY A 56 0.48 -10.27 2.22
CA GLY A 56 -0.38 -10.35 1.04
C GLY A 56 -1.70 -11.02 1.31
N ALA A 57 -1.67 -12.06 2.18
CA ALA A 57 -2.90 -12.78 2.48
C ALA A 57 -3.90 -11.86 3.20
N TYR A 58 -3.38 -10.85 3.90
CA TYR A 58 -4.24 -9.84 4.52
C TYR A 58 -4.60 -8.67 3.59
N VAL A 59 -3.74 -8.40 2.61
CA VAL A 59 -4.07 -7.37 1.62
C VAL A 59 -5.18 -7.77 0.65
N TRP A 60 -5.09 -9.02 0.18
CA TRP A 60 -5.97 -9.58 -0.82
C TRP A 60 -6.68 -10.81 -0.30
N PRO A 61 -7.47 -10.68 0.79
CA PRO A 61 -8.11 -11.88 1.36
C PRO A 61 -9.08 -12.60 0.47
N ARG A 62 -9.66 -11.90 -0.52
CA ARG A 62 -10.65 -12.46 -1.40
C ARG A 62 -10.10 -12.92 -2.76
N ALA A 63 -8.80 -12.74 -2.96
CA ALA A 63 -8.25 -13.09 -4.25
C ALA A 63 -8.22 -14.59 -4.52
N ASP A 64 -8.31 -14.95 -5.78
CA ASP A 64 -7.97 -16.28 -6.23
C ASP A 64 -6.45 -16.51 -6.10
N LEU A 65 -6.01 -17.76 -6.21
CA LEU A 65 -4.63 -18.13 -6.06
C LEU A 65 -3.70 -17.36 -7.03
N ASP A 66 -4.10 -17.26 -8.30
CA ASP A 66 -3.28 -16.59 -9.39
C ASP A 66 -3.05 -15.12 -9.00
N THR A 67 -4.11 -14.43 -8.59
CA THR A 67 -3.98 -13.01 -8.19
C THR A 67 -3.15 -12.90 -6.93
N LEU A 68 -3.43 -13.72 -5.92
CA LEU A 68 -2.61 -13.64 -4.73
C LEU A 68 -1.12 -13.84 -5.03
N THR A 69 -0.82 -14.81 -5.91
CA THR A 69 0.55 -15.12 -6.21
C THR A 69 1.26 -13.90 -6.91
N ILE A 70 0.61 -13.26 -7.86
CA ILE A 70 1.20 -12.08 -8.47
C ILE A 70 1.40 -10.98 -7.42
N GLY A 71 0.41 -10.78 -6.57
CA GLY A 71 0.55 -9.77 -5.49
C GLY A 71 1.74 -10.05 -4.57
N LEU A 72 1.95 -11.32 -4.21
CA LEU A 72 3.07 -11.66 -3.33
C LEU A 72 4.43 -11.39 -4.03
N LYS A 73 4.50 -11.59 -5.36
CA LYS A 73 5.72 -11.25 -6.10
C LYS A 73 6.03 -9.73 -5.96
N TRP A 74 4.99 -8.91 -6.11
CA TRP A 74 5.18 -7.46 -5.90
C TRP A 74 5.64 -7.11 -4.49
N ILE A 75 5.03 -7.74 -3.49
CA ILE A 75 5.46 -7.48 -2.10
C ILE A 75 6.90 -7.93 -1.84
N ALA A 76 7.25 -9.11 -2.33
CA ALA A 76 8.63 -9.59 -2.16
C ALA A 76 9.62 -8.68 -2.85
N LEU A 77 9.31 -8.26 -4.07
CA LEU A 77 10.17 -7.33 -4.77
C LEU A 77 10.34 -6.02 -4.02
N THR A 78 9.24 -5.46 -3.53
CA THR A 78 9.32 -4.19 -2.80
C THR A 78 10.10 -4.31 -1.49
N PHE A 79 9.99 -5.47 -0.82
CA PHE A 79 10.83 -5.73 0.34
C PHE A 79 12.29 -5.67 -0.03
N ARG A 80 12.65 -6.30 -1.13
CA ARG A 80 14.06 -6.32 -1.56
C ARG A 80 14.54 -4.93 -1.96
N ILE A 81 13.69 -4.15 -2.67
CA ILE A 81 14.04 -2.76 -3.02
C ILE A 81 14.30 -1.98 -1.73
N ASP A 82 13.43 -2.14 -0.75
CA ASP A 82 13.53 -1.41 0.51
C ASP A 82 14.76 -1.78 1.29
N ASP A 83 15.07 -3.08 1.30
CA ASP A 83 16.25 -3.60 1.96
C ASP A 83 17.55 -3.02 1.39
N GLN A 84 17.62 -2.90 0.07
CA GLN A 84 18.79 -2.47 -0.64
C GLN A 84 18.95 -0.94 -0.66
N ILE A 85 17.87 -0.21 -0.41
CA ILE A 85 17.95 1.26 -0.30
C ILE A 85 18.54 1.65 1.06
N LEU A 94 21.16 11.42 -0.90
CA LEU A 94 20.05 11.88 -1.72
C LEU A 94 20.35 11.59 -3.19
N PRO A 95 21.54 11.93 -3.69
CA PRO A 95 21.82 11.52 -5.06
C PRO A 95 21.87 9.99 -5.34
N ALA A 96 22.38 9.20 -4.39
CA ALA A 96 22.42 7.75 -4.53
C ALA A 96 20.98 7.22 -4.57
N ARG A 97 20.11 7.78 -3.74
CA ARG A 97 18.69 7.41 -3.77
C ARG A 97 18.00 7.78 -5.05
N MET A 98 18.20 9.02 -5.49
CA MET A 98 17.61 9.44 -6.75
C MET A 98 18.06 8.54 -7.89
N THR A 99 19.35 8.16 -7.92
CA THR A 99 19.90 7.32 -8.96
C THR A 99 19.24 5.92 -8.96
N ALA A 100 19.14 5.31 -7.79
CA ALA A 100 18.50 3.98 -7.66
C ALA A 100 17.03 4.05 -8.06
N ILE A 101 16.35 5.08 -7.56
CA ILE A 101 14.89 5.23 -7.78
C ILE A 101 14.63 5.52 -9.25
N ASP A 102 15.45 6.34 -9.88
CA ASP A 102 15.21 6.71 -11.25
C ASP A 102 15.40 5.49 -12.18
N GLU A 103 16.34 4.62 -11.84
CA GLU A 103 16.58 3.42 -12.61
C GLU A 103 15.36 2.49 -12.51
N LEU A 104 14.80 2.37 -11.32
CA LEU A 104 13.60 1.54 -11.13
C LEU A 104 12.40 2.11 -11.90
N ARG A 105 12.18 3.42 -11.77
CA ARG A 105 11.08 4.09 -12.41
C ARG A 105 11.15 3.93 -13.92
N GLY A 106 12.36 4.03 -14.44
CA GLY A 106 12.64 3.86 -15.84
C GLY A 106 12.17 2.53 -16.37
N THR A 107 12.34 1.47 -15.55
CA THR A 107 11.96 0.12 -15.99
C THR A 107 10.48 0.03 -16.33
N LEU A 108 9.68 0.89 -15.73
CA LEU A 108 8.22 0.87 -15.91
C LEU A 108 7.81 1.46 -17.25
N HIS A 109 8.78 2.03 -17.93
CA HIS A 109 8.59 2.63 -19.24
C HIS A 109 9.44 1.98 -20.31
N GLY A 110 10.02 0.82 -20.01
CA GLY A 110 10.84 0.08 -20.97
C GLY A 110 12.24 0.66 -21.15
N LEU A 111 12.64 1.56 -20.27
CA LEU A 111 13.95 2.20 -20.37
C LEU A 111 15.02 1.34 -19.68
N SER A 117 21.51 -4.57 -12.27
CA SER A 117 20.78 -4.71 -11.01
C SER A 117 19.76 -5.87 -11.14
N PRO A 118 19.95 -6.98 -10.37
CA PRO A 118 18.94 -8.04 -10.41
C PRO A 118 17.56 -7.55 -9.95
N THR A 119 17.53 -6.54 -9.09
CA THR A 119 16.27 -6.01 -8.63
C THR A 119 15.57 -5.20 -9.74
N ALA A 120 16.28 -4.35 -10.42
CA ALA A 120 15.68 -3.59 -11.53
C ALA A 120 15.22 -4.48 -12.67
N ARG A 121 16.03 -5.46 -13.01
CA ARG A 121 15.66 -6.40 -14.06
C ARG A 121 14.40 -7.18 -13.64
N ALA A 122 14.33 -7.59 -12.39
CA ALA A 122 13.13 -8.27 -11.87
C ALA A 122 11.92 -7.37 -11.97
N LEU A 123 12.06 -6.09 -11.66
CA LEU A 123 10.93 -5.16 -11.74
C LEU A 123 10.45 -5.05 -13.18
N GLY A 124 11.36 -4.90 -14.13
CA GLY A 124 10.92 -4.74 -15.49
C GLY A 124 10.21 -5.98 -15.99
N ALA A 125 10.67 -7.19 -15.60
CA ALA A 125 10.07 -8.42 -16.09
C ALA A 125 8.68 -8.60 -15.43
N LEU A 126 8.62 -8.31 -14.13
CA LEU A 126 7.39 -8.46 -13.36
C LEU A 126 6.34 -7.49 -13.92
N TRP A 127 6.74 -6.28 -14.23
CA TRP A 127 5.82 -5.33 -14.87
C TRP A 127 5.35 -5.81 -16.23
N GLN A 128 6.25 -6.34 -17.06
CA GLN A 128 5.80 -6.91 -18.32
C GLN A 128 4.70 -7.95 -18.14
N GLU A 129 4.88 -8.86 -17.20
CA GLU A 129 3.90 -9.91 -16.90
C GLU A 129 2.58 -9.33 -16.39
N THR A 130 2.68 -8.36 -15.52
CA THR A 130 1.52 -7.75 -14.90
C THR A 130 0.68 -6.95 -15.91
N ALA A 131 1.33 -6.20 -16.77
CA ALA A 131 0.65 -5.31 -17.72
C ALA A 131 0.00 -6.09 -18.85
N LEU A 132 0.54 -7.27 -19.17
CA LEU A 132 0.10 -8.05 -20.32
C LEU A 132 -1.35 -8.45 -20.24
N GLY A 133 -2.11 -7.99 -21.22
CA GLY A 133 -3.52 -8.26 -21.19
C GLY A 133 -4.39 -7.54 -20.20
N ARG A 134 -3.81 -6.53 -19.53
CA ARG A 134 -4.52 -5.69 -18.58
C ARG A 134 -4.80 -4.33 -19.23
N PRO A 135 -5.98 -3.75 -18.95
CA PRO A 135 -6.38 -2.55 -19.65
C PRO A 135 -5.46 -1.34 -19.38
N ALA A 136 -5.28 -0.54 -20.40
CA ALA A 136 -4.37 0.62 -20.34
C ALA A 136 -4.71 1.58 -19.15
N THR A 137 -5.99 1.84 -18.89
CA THR A 137 -6.35 2.80 -17.84
C THR A 137 -5.86 2.26 -16.49
N TRP A 138 -6.04 0.97 -16.29
CA TRP A 138 -5.53 0.32 -15.06
C TRP A 138 -4.01 0.39 -14.97
N CYS A 139 -3.33 0.11 -16.07
CA CYS A 139 -1.87 0.11 -16.11
C CYS A 139 -1.36 1.50 -15.73
N ASP A 140 -1.99 2.52 -16.29
CA ASP A 140 -1.56 3.89 -16.02
C ASP A 140 -1.79 4.23 -14.51
N ALA A 141 -2.89 3.75 -13.92
CA ALA A 141 -3.20 4.01 -12.50
C ALA A 141 -2.16 3.34 -11.64
N PHE A 142 -1.86 2.08 -11.95
CA PHE A 142 -0.87 1.31 -11.18
C PHE A 142 0.50 1.98 -11.27
N ILE A 143 0.97 2.32 -12.48
CA ILE A 143 2.24 2.97 -12.61
C ILE A 143 2.30 4.26 -11.83
N GLY A 144 1.27 5.05 -11.91
CA GLY A 144 1.31 6.30 -11.17
C GLY A 144 1.41 6.09 -9.67
N HIS A 145 0.64 5.13 -9.17
CA HIS A 145 0.71 4.82 -7.73
C HIS A 145 2.06 4.21 -7.31
N PHE A 146 2.61 3.31 -8.13
CA PHE A 146 3.88 2.68 -7.86
C PHE A 146 5.04 3.68 -7.92
N GLU A 147 5.01 4.53 -8.94
CA GLU A 147 6.00 5.58 -9.07
C GLU A 147 5.91 6.56 -7.92
N ALA A 148 4.70 6.90 -7.48
CA ALA A 148 4.52 7.80 -6.31
C ALA A 148 5.19 7.14 -5.07
N PHE A 149 4.94 5.84 -4.86
CA PHE A 149 5.56 5.05 -3.77
C PHE A 149 7.08 5.16 -3.89
N LEU A 150 7.65 4.91 -5.06
CA LEU A 150 9.12 4.88 -5.22
C LEU A 150 9.69 6.30 -4.93
N GLN A 151 8.99 7.31 -5.39
CA GLN A 151 9.45 8.70 -5.25
C GLN A 151 9.51 9.13 -3.81
N THR A 152 8.71 8.53 -2.93
CA THR A 152 8.77 8.89 -1.50
C THR A 152 10.11 8.66 -0.89
N TYR A 153 10.89 7.70 -1.39
CA TYR A 153 12.26 7.49 -0.94
C TYR A 153 13.12 8.72 -1.20
N THR A 154 12.95 9.32 -2.39
CA THR A 154 13.70 10.52 -2.74
C THR A 154 13.17 11.75 -1.98
N THR A 155 11.85 11.93 -1.89
CA THR A 155 11.27 13.04 -1.12
C THR A 155 11.77 13.11 0.33
N GLU A 156 11.72 11.98 1.02
CA GLU A 156 12.10 11.99 2.41
C GLU A 156 13.58 12.28 2.58
N ALA A 157 14.44 11.81 1.66
CA ALA A 157 15.87 12.08 1.78
C ALA A 157 16.12 13.59 1.58
N GLY A 158 15.35 14.22 0.69
CA GLY A 158 15.46 15.68 0.42
C GLY A 158 15.09 16.50 1.63
N LEU A 159 13.98 16.13 2.25
CA LEU A 159 13.53 16.73 3.50
C LEU A 159 14.52 16.60 4.65
N ASN A 160 15.22 15.48 4.71
CA ASN A 160 16.27 15.29 5.71
C ASN A 160 17.41 16.31 5.61
N ALA A 161 17.68 16.83 4.41
CA ALA A 161 18.67 17.90 4.22
C ALA A 161 18.28 19.25 4.83
N HIS A 162 16.97 19.47 5.02
CA HIS A 162 16.43 20.72 5.57
C HIS A 162 16.43 20.71 7.10
N GLY A 163 16.64 21.91 7.67
CA GLY A 163 16.64 22.10 9.12
C GLY A 163 15.26 22.11 9.75
N ALA A 164 14.31 22.82 9.12
CA ALA A 164 12.97 23.02 9.71
C ALA A 164 12.22 21.72 9.99
N GLY A 165 11.31 21.77 10.96
CA GLY A 165 10.45 20.63 11.28
C GLY A 165 9.61 20.23 10.07
N LEU A 166 9.13 19.01 10.09
CA LEU A 166 8.31 18.50 9.03
C LEU A 166 6.87 18.98 9.25
N ARG A 167 6.19 19.23 8.14
CA ARG A 167 4.79 19.63 8.19
C ARG A 167 3.98 18.35 8.18
N LEU A 168 2.99 18.26 9.07
CA LEU A 168 2.13 17.05 9.10
C LEU A 168 1.31 16.89 7.87
N ASP A 169 0.75 17.96 7.34
CA ASP A 169 -0.13 17.85 6.19
C ASP A 169 0.66 17.33 4.96
N ASP A 170 1.84 17.85 4.73
CA ASP A 170 2.64 17.39 3.61
C ASP A 170 3.08 15.94 3.85
N TYR A 171 3.41 15.61 5.10
CA TYR A 171 3.74 14.21 5.46
C TYR A 171 2.61 13.29 5.08
N LEU A 172 1.36 13.63 5.45
CA LEU A 172 0.27 12.70 5.15
C LEU A 172 0.05 12.55 3.63
N ASP A 173 0.28 13.61 2.89
CA ASP A 173 0.10 13.60 1.45
C ASP A 173 1.06 12.58 0.83
N ARG A 174 2.27 12.47 1.34
CA ARG A 174 3.25 11.48 0.86
C ARG A 174 3.10 10.09 1.51
N ARG A 175 2.67 10.07 2.77
CA ARG A 175 2.51 8.85 3.51
C ARG A 175 1.42 7.95 2.91
N MET A 176 0.36 8.53 2.35
CA MET A 176 -0.68 7.72 1.70
C MET A 176 -0.09 6.91 0.55
N TYR A 177 0.96 7.40 -0.09
CA TYR A 177 1.68 6.61 -1.14
C TYR A 177 2.81 5.74 -0.58
N SER A 178 3.60 6.19 0.40
CA SER A 178 4.72 5.40 0.94
C SER A 178 4.27 4.13 1.66
N VAL A 179 3.05 4.10 2.21
CA VAL A 179 2.51 2.89 2.81
C VAL A 179 2.20 1.83 1.75
N GLY A 180 2.12 2.23 0.50
CA GLY A 180 1.95 1.29 -0.62
C GLY A 180 0.56 0.86 -0.95
N MET A 181 -0.37 1.16 -0.04
CA MET A 181 -1.77 0.80 -0.21
C MET A 181 -2.30 1.04 -1.62
N PRO A 182 -2.16 2.26 -2.12
CA PRO A 182 -2.77 2.61 -3.43
C PRO A 182 -2.42 1.59 -4.55
N TRP A 183 -1.16 1.25 -4.73
CA TRP A 183 -0.82 0.25 -5.75
C TRP A 183 -1.18 -1.16 -5.37
N LEU A 184 -1.14 -1.46 -4.06
CA LEU A 184 -1.61 -2.76 -3.61
C LEU A 184 -3.03 -3.01 -3.96
N TRP A 185 -3.89 -2.04 -3.66
CA TRP A 185 -5.32 -2.10 -3.96
C TRP A 185 -5.57 -2.12 -5.47
N ASP A 186 -4.77 -1.40 -6.27
CA ASP A 186 -4.88 -1.56 -7.71
C ASP A 186 -4.82 -3.05 -8.11
N LEU A 187 -3.91 -3.83 -7.51
CA LEU A 187 -3.78 -5.23 -7.82
C LEU A 187 -5.00 -6.05 -7.44
N ASP A 188 -5.79 -5.59 -6.49
CA ASP A 188 -7.02 -6.29 -6.13
C ASP A 188 -8.01 -6.35 -7.32
N GLU A 189 -7.87 -5.44 -8.29
CA GLU A 189 -8.78 -5.45 -9.42
C GLU A 189 -8.61 -6.74 -10.26
N LEU A 190 -7.44 -7.37 -10.19
CA LEU A 190 -7.18 -8.56 -10.96
C LEU A 190 -8.12 -9.72 -10.56
N ARG A 191 -8.65 -9.70 -9.32
CA ARG A 191 -9.52 -10.78 -8.87
C ARG A 191 -11.00 -10.50 -9.01
N LEU A 192 -11.35 -9.27 -9.40
CA LEU A 192 -12.74 -8.88 -9.57
C LEU A 192 -13.23 -9.50 -10.93
N PRO A 193 -14.56 -9.62 -11.08
CA PRO A 193 -15.17 -10.08 -12.33
C PRO A 193 -14.85 -9.15 -13.49
N ILE A 194 -14.60 -7.87 -13.22
CA ILE A 194 -14.13 -6.99 -14.24
C ILE A 194 -13.32 -5.90 -13.55
N PHE A 195 -12.46 -5.26 -14.32
CA PHE A 195 -11.77 -4.07 -13.81
C PHE A 195 -12.76 -2.94 -13.53
N LEU A 196 -12.43 -2.07 -12.59
CA LEU A 196 -13.23 -0.89 -12.33
C LEU A 196 -13.26 0.01 -13.57
N PRO A 197 -14.41 0.55 -13.89
CA PRO A 197 -14.38 1.60 -14.91
C PRO A 197 -13.54 2.78 -14.43
N GLY A 198 -12.83 3.45 -15.33
CA GLY A 198 -12.06 4.65 -14.95
C GLY A 198 -12.85 5.71 -14.19
N SER A 199 -14.12 5.88 -14.54
CA SER A 199 -15.02 6.79 -13.87
C SER A 199 -15.40 6.41 -12.45
N VAL A 200 -15.15 5.16 -12.06
CA VAL A 200 -15.33 4.69 -10.68
C VAL A 200 -13.99 4.70 -9.94
N ARG A 201 -12.92 4.25 -10.59
CA ARG A 201 -11.59 4.16 -9.95
C ARG A 201 -11.13 5.51 -9.39
N THR A 202 -11.50 6.59 -10.07
CA THR A 202 -11.00 7.92 -9.76
C THR A 202 -12.17 8.87 -9.42
N CYS A 203 -13.36 8.34 -9.11
CA CYS A 203 -14.46 9.16 -8.63
C CYS A 203 -14.15 9.73 -7.22
N GLY A 204 -14.91 10.75 -6.81
CA GLY A 204 -14.66 11.43 -5.56
C GLY A 204 -14.72 10.52 -4.35
N PRO A 205 -15.81 9.73 -4.23
CA PRO A 205 -15.88 8.89 -3.05
C PRO A 205 -14.76 7.83 -3.03
N MET A 206 -14.37 7.30 -4.19
CA MET A 206 -13.32 6.27 -4.21
C MET A 206 -11.98 6.89 -3.84
N ASN A 207 -11.70 8.08 -4.32
CA ASN A 207 -10.46 8.76 -3.94
C ASN A 207 -10.40 9.01 -2.45
N LYS A 208 -11.53 9.40 -1.86
CA LYS A 208 -11.64 9.72 -0.46
C LYS A 208 -11.42 8.46 0.35
N LEU A 209 -12.04 7.37 -0.11
CA LEU A 209 -11.88 6.06 0.55
C LEU A 209 -10.42 5.59 0.52
N ARG A 210 -9.81 5.69 -0.65
CA ARG A 210 -8.43 5.23 -0.86
C ARG A 210 -7.50 6.03 0.08
N ARG A 211 -7.62 7.33 0.11
CA ARG A 211 -6.77 8.15 0.96
C ARG A 211 -6.98 7.87 2.42
N ALA A 212 -8.22 7.83 2.88
CA ALA A 212 -8.48 7.59 4.28
C ALA A 212 -8.09 6.22 4.73
N GLY A 213 -8.35 5.20 3.90
CA GLY A 213 -7.96 3.87 4.25
C GLY A 213 -6.44 3.75 4.34
N ALA A 214 -5.75 4.35 3.36
CA ALA A 214 -4.27 4.31 3.32
C ALA A 214 -3.73 5.01 4.57
N LEU A 215 -4.32 6.12 4.94
CA LEU A 215 -3.84 6.89 6.09
C LEU A 215 -4.18 6.22 7.41
N HIS A 216 -5.32 5.55 7.51
CA HIS A 216 -5.61 4.78 8.73
C HIS A 216 -4.53 3.75 9.01
N ILE A 217 -4.20 2.96 7.96
CA ILE A 217 -3.22 1.92 8.01
C ILE A 217 -1.88 2.50 8.33
N ALA A 218 -1.50 3.57 7.62
CA ALA A 218 -0.18 4.17 7.84
C ALA A 218 0.00 4.77 9.19
N LEU A 219 -1.03 5.42 9.71
CA LEU A 219 -0.92 6.08 11.00
C LEU A 219 -0.86 5.04 12.13
N VAL A 220 -1.62 3.95 11.98
CA VAL A 220 -1.51 2.85 12.95
C VAL A 220 -0.09 2.30 12.90
N ASN A 221 0.45 2.07 11.69
CA ASN A 221 1.86 1.66 11.48
C ASN A 221 2.81 2.62 12.20
N ASP A 222 2.58 3.93 12.09
CA ASP A 222 3.46 4.93 12.69
C ASP A 222 3.50 4.73 14.22
N VAL A 223 2.34 4.51 14.81
CA VAL A 223 2.26 4.34 16.27
C VAL A 223 3.02 3.10 16.72
N PHE A 224 2.83 1.99 16.02
CA PHE A 224 3.59 0.75 16.28
C PHE A 224 5.09 0.81 15.94
N SER A 225 5.50 1.78 15.14
CA SER A 225 6.85 1.95 14.65
C SER A 225 7.68 2.92 15.48
N VAL A 226 7.04 3.74 16.30
CA VAL A 226 7.73 4.92 16.86
C VAL A 226 8.62 4.49 18.01
N TYR A 234 14.87 7.98 12.40
CA TYR A 234 13.81 8.19 11.40
C TYR A 234 12.76 9.19 11.90
N GLN A 235 12.64 10.29 11.16
CA GLN A 235 11.88 11.44 11.58
C GLN A 235 10.44 11.38 11.03
N HIS A 236 10.23 10.52 10.03
CA HIS A 236 9.06 10.59 9.15
C HIS A 236 8.00 9.69 9.72
N ASN A 237 7.31 10.23 10.72
CA ASN A 237 6.38 9.50 11.57
C ASN A 237 5.49 10.55 12.16
N ALA A 238 4.19 10.35 12.08
CA ALA A 238 3.25 11.36 12.53
C ALA A 238 3.40 11.64 14.02
N VAL A 239 3.71 10.61 14.81
CA VAL A 239 3.88 10.80 16.24
C VAL A 239 5.00 11.79 16.52
N THR A 240 6.13 11.51 15.90
CA THR A 240 7.32 12.36 16.04
C THR A 240 7.07 13.77 15.55
N ILE A 241 6.40 13.90 14.41
CA ILE A 241 6.14 15.19 13.80
C ILE A 241 5.32 16.08 14.75
N ILE A 242 4.28 15.51 15.34
CA ILE A 242 3.43 16.24 16.32
C ILE A 242 4.24 16.58 17.57
N ARG A 243 4.92 15.57 18.15
CA ARG A 243 5.73 15.77 19.33
C ARG A 243 6.75 16.90 19.15
N GLU A 244 7.47 16.90 18.05
CA GLU A 244 8.55 17.86 17.84
C GLU A 244 8.03 19.27 17.51
N ALA A 245 6.90 19.33 16.84
CA ALA A 245 6.26 20.60 16.53
C ALA A 245 5.69 21.28 17.78
N GLN A 246 5.11 20.49 18.69
CA GLN A 246 4.33 21.02 19.82
C GLN A 246 5.12 21.10 21.11
N GLY A 247 6.20 20.31 21.21
CA GLY A 247 6.92 20.08 22.49
C GLY A 247 6.11 19.31 23.54
N CYS A 248 5.21 18.42 23.09
CA CYS A 248 4.34 17.70 24.02
C CYS A 248 5.03 16.38 24.38
N SER A 249 4.42 15.61 25.27
CA SER A 249 4.95 14.29 25.64
C SER A 249 4.66 13.26 24.58
N LEU A 250 5.37 12.14 24.65
CA LEU A 250 5.21 11.06 23.65
C LEU A 250 3.79 10.49 23.67
N GLN A 251 3.28 10.25 24.88
CA GLN A 251 1.90 9.82 25.05
C GLN A 251 0.89 10.83 24.51
N GLU A 252 1.14 12.11 24.73
CA GLU A 252 0.26 13.13 24.23
C GLU A 252 0.27 13.14 22.70
N ALA A 253 1.43 12.96 22.09
CA ALA A 253 1.50 12.92 20.62
C ALA A 253 0.79 11.67 20.06
N VAL A 254 0.99 10.53 20.73
CA VAL A 254 0.30 9.29 20.39
C VAL A 254 -1.20 9.47 20.47
N ASP A 255 -1.67 10.11 21.52
CA ASP A 255 -3.11 10.28 21.70
C ASP A 255 -3.69 11.14 20.59
N GLN A 256 -2.94 12.14 20.15
CA GLN A 256 -3.35 12.96 19.04
C GLN A 256 -3.38 12.20 17.69
N VAL A 257 -2.41 11.32 17.48
CA VAL A 257 -2.44 10.46 16.30
C VAL A 257 -3.67 9.51 16.36
N ALA A 258 -4.00 8.99 17.56
CA ALA A 258 -5.21 8.15 17.73
C ALA A 258 -6.46 8.91 17.31
N VAL A 259 -6.53 10.22 17.59
CA VAL A 259 -7.69 11.01 17.17
C VAL A 259 -7.73 11.11 15.62
N LEU A 260 -6.57 11.29 15.03
CA LEU A 260 -6.46 11.31 13.56
C LEU A 260 -6.88 10.00 12.94
N VAL A 261 -6.43 8.89 13.53
CA VAL A 261 -6.83 7.57 13.08
C VAL A 261 -8.35 7.39 13.12
N GLU A 262 -8.97 7.77 14.25
CA GLU A 262 -10.40 7.66 14.32
C GLU A 262 -11.06 8.49 13.24
N ALA A 263 -10.55 9.69 12.97
CA ALA A 263 -11.01 10.49 11.87
C ALA A 263 -10.95 9.77 10.52
N GLN A 264 -9.83 9.07 10.28
CA GLN A 264 -9.73 8.32 9.04
C GLN A 264 -10.78 7.22 8.93
N LEU A 265 -10.99 6.51 10.04
CA LEU A 265 -12.02 5.48 10.10
C LEU A 265 -13.39 6.03 9.73
N HIS A 266 -13.77 7.14 10.34
CA HIS A 266 -15.07 7.72 10.06
C HIS A 266 -15.18 8.25 8.64
N THR A 267 -14.05 8.71 8.07
CA THR A 267 -13.99 9.08 6.67
C THR A 267 -14.16 7.86 5.74
N VAL A 268 -13.57 6.72 6.11
CA VAL A 268 -13.80 5.47 5.37
C VAL A 268 -15.28 5.09 5.36
N LEU A 269 -15.91 5.16 6.54
CA LEU A 269 -17.33 4.78 6.70
C LEU A 269 -18.21 5.68 5.85
N GLN A 270 -17.94 6.97 5.92
CA GLN A 270 -18.67 7.96 5.11
C GLN A 270 -18.47 7.75 3.62
N ALA A 271 -17.20 7.54 3.19
CA ALA A 271 -16.90 7.41 1.78
C ALA A 271 -17.59 6.19 1.15
N ARG A 272 -17.67 5.11 1.93
CA ARG A 272 -18.36 3.90 1.44
C ARG A 272 -19.81 4.18 1.11
N GLN A 273 -20.47 4.94 1.98
CA GLN A 273 -21.87 5.32 1.75
C GLN A 273 -21.97 6.20 0.52
N GLU A 274 -21.08 7.17 0.42
CA GLU A 274 -21.05 8.09 -0.68
C GLU A 274 -20.76 7.37 -2.00
N LEU A 275 -19.95 6.32 -1.94
CA LEU A 275 -19.68 5.56 -3.13
C LEU A 275 -20.92 4.89 -3.69
N LEU A 276 -21.71 4.31 -2.81
CA LEU A 276 -22.98 3.73 -3.23
C LEU A 276 -23.86 4.71 -4.00
N GLU A 277 -23.93 5.95 -3.52
CA GLU A 277 -24.71 7.00 -4.20
C GLU A 277 -24.14 7.34 -5.57
N GLU A 278 -22.81 7.37 -5.66
CA GLU A 278 -22.16 7.73 -6.91
C GLU A 278 -22.36 6.61 -7.94
N LEU A 279 -22.35 5.34 -7.50
CA LEU A 279 -22.57 4.23 -8.46
C LEU A 279 -23.95 4.38 -9.14
N ASP A 280 -24.98 4.78 -8.36
CA ASP A 280 -26.34 5.10 -8.89
C ASP A 280 -26.36 6.26 -9.91
N ARG A 281 -25.66 7.35 -9.62
CA ARG A 281 -25.52 8.47 -10.55
C ARG A 281 -24.89 8.12 -11.89
N GLN A 282 -24.04 7.08 -11.91
CA GLN A 282 -23.35 6.70 -13.14
C GLN A 282 -24.16 5.74 -14.01
N ALA A 283 -25.15 5.09 -13.42
CA ALA A 283 -25.98 4.11 -14.14
C ALA A 283 -25.15 3.00 -14.77
N LEU A 284 -24.36 2.34 -13.95
CA LEU A 284 -23.44 1.30 -14.40
C LEU A 284 -24.09 -0.06 -14.58
N PRO A 285 -23.50 -0.91 -15.41
CA PRO A 285 -23.94 -2.28 -15.45
C PRO A 285 -23.81 -2.91 -14.07
N SER A 286 -24.66 -3.88 -13.80
CA SER A 286 -24.63 -4.58 -12.52
C SER A 286 -23.28 -5.16 -12.19
N ARG A 287 -22.61 -5.71 -13.19
CA ARG A 287 -21.30 -6.33 -12.96
C ARG A 287 -20.30 -5.31 -12.42
N ALA A 288 -20.32 -4.09 -12.97
CA ALA A 288 -19.40 -3.04 -12.55
C ALA A 288 -19.72 -2.54 -11.18
N ARG A 289 -21.03 -2.39 -10.88
CA ARG A 289 -21.44 -1.98 -9.52
C ARG A 289 -20.97 -2.99 -8.47
N GLU A 290 -21.14 -4.27 -8.77
CA GLU A 290 -20.73 -5.34 -7.86
C GLU A 290 -19.22 -5.31 -7.64
N ALA A 291 -18.45 -5.14 -8.73
CA ALA A 291 -16.99 -5.08 -8.65
C ALA A 291 -16.54 -3.91 -7.79
N ALA A 292 -17.17 -2.75 -7.97
CA ALA A 292 -16.83 -1.59 -7.18
C ALA A 292 -17.14 -1.79 -5.69
N VAL A 293 -18.29 -2.38 -5.39
CA VAL A 293 -18.63 -2.62 -3.97
C VAL A 293 -17.66 -3.62 -3.29
N ASP A 294 -17.26 -4.65 -4.02
CA ASP A 294 -16.35 -5.66 -3.51
C ASP A 294 -14.96 -5.01 -3.30
N TYR A 295 -14.51 -4.21 -4.27
CA TYR A 295 -13.22 -3.50 -4.10
C TYR A 295 -13.23 -2.64 -2.84
N ALA A 296 -14.30 -1.87 -2.62
CA ALA A 296 -14.39 -1.01 -1.45
C ALA A 296 -14.48 -1.80 -0.13
N ALA A 297 -15.16 -2.94 -0.14
CA ALA A 297 -15.14 -3.82 1.03
C ALA A 297 -13.78 -4.36 1.35
N ASN A 298 -12.96 -4.58 0.32
CA ASN A 298 -11.60 -5.05 0.54
C ASN A 298 -10.72 -3.95 1.15
N VAL A 299 -10.89 -2.73 0.68
CA VAL A 299 -10.20 -1.58 1.26
C VAL A 299 -10.53 -1.53 2.76
N ALA A 300 -11.83 -1.61 3.09
CA ALA A 300 -12.23 -1.63 4.49
C ALA A 300 -11.65 -2.80 5.31
N ALA A 301 -11.69 -4.02 4.76
CA ALA A 301 -11.10 -5.19 5.39
C ALA A 301 -9.69 -4.92 5.76
N ASN A 302 -8.94 -4.24 4.88
CA ASN A 302 -7.52 -4.01 5.15
C ASN A 302 -7.27 -3.18 6.41
N LEU A 303 -8.22 -2.32 6.79
CA LEU A 303 -8.01 -1.61 8.08
C LEU A 303 -7.92 -2.60 9.28
N SER A 304 -8.73 -3.65 9.27
CA SER A 304 -8.64 -4.71 10.28
C SER A 304 -7.44 -5.59 10.08
N GLY A 305 -7.18 -6.02 8.82
CA GLY A 305 -6.06 -6.93 8.60
C GLY A 305 -4.75 -6.30 8.92
N GLN A 306 -4.57 -5.04 8.54
CA GLN A 306 -3.26 -4.45 8.75
C GLN A 306 -3.05 -4.06 10.22
N LEU A 307 -4.15 -3.77 10.93
CA LEU A 307 -4.08 -3.53 12.36
C LEU A 307 -3.62 -4.80 13.07
N VAL A 308 -4.20 -5.92 12.70
CA VAL A 308 -3.85 -7.20 13.29
C VAL A 308 -2.42 -7.63 12.92
N TRP A 309 -2.01 -7.35 11.68
CA TRP A 309 -0.64 -7.61 11.25
C TRP A 309 0.35 -6.81 12.11
N HIS A 310 0.03 -5.56 12.43
CA HIS A 310 0.81 -4.77 13.43
C HIS A 310 0.40 -5.14 14.85
#